data_8OI0
#
_entry.id   8OI0
#
_cell.length_a   1.00
_cell.length_b   1.00
_cell.length_c   1.00
_cell.angle_alpha   90.00
_cell.angle_beta   90.00
_cell.angle_gamma   90.00
#
_symmetry.space_group_name_H-M   'P 1'
#
_entity_poly.entity_id   1
_entity_poly.type   'polypeptide(L)'
_entity_poly.pdbx_seq_one_letter_code
;(VP1)VQSKIGSLDNITH(NH2)
;
_entity_poly.pdbx_strand_id   A,B,C,D,E,F,G,H,I,J,K,L,M,N,O,P,Q,R,S,T,U,V,W,X
#
# COMPACT_ATOMS: atom_id res chain seq x y z
N VAL A 2 13.78 15.67 14.29
CA VAL A 2 14.21 16.54 13.21
C VAL A 2 14.79 17.82 13.77
N GLN A 3 16.09 18.04 13.53
CA GLN A 3 16.77 19.27 13.90
C GLN A 3 16.58 19.58 15.38
N SER A 4 16.55 18.55 16.19
CA SER A 4 16.28 18.66 17.61
C SER A 4 17.50 18.29 18.42
N LYS A 5 17.32 18.23 19.74
CA LYS A 5 18.44 17.96 20.63
C LYS A 5 17.92 17.49 21.96
N ILE A 6 18.42 16.38 22.45
CA ILE A 6 18.14 15.90 23.80
C ILE A 6 19.37 16.16 24.64
N GLY A 7 19.26 17.08 25.59
CA GLY A 7 20.35 17.28 26.53
C GLY A 7 20.52 16.10 27.47
N SER A 8 19.43 15.59 28.01
CA SER A 8 19.47 14.48 28.95
C SER A 8 18.05 13.98 29.15
N LEU A 9 17.93 12.75 29.64
CA LEU A 9 16.63 12.21 29.99
C LEU A 9 16.50 11.93 31.48
N ASP A 10 17.43 11.18 32.07
CA ASP A 10 17.39 10.87 33.49
C ASP A 10 18.70 11.32 34.12
N ASN A 11 18.60 12.17 35.15
CA ASN A 11 19.76 12.63 35.89
C ASN A 11 19.54 12.23 37.35
N ILE A 12 20.05 11.07 37.72
CA ILE A 12 19.82 10.49 39.03
C ILE A 12 21.09 10.64 39.87
N THR A 13 20.92 11.18 41.07
CA THR A 13 21.99 11.29 42.05
C THR A 13 21.59 10.50 43.28
N HIS A 14 22.47 9.61 43.73
CA HIS A 14 22.16 8.81 44.91
C HIS A 14 23.34 8.73 45.85
N VAL B 2 -1.16 0.71 13.24
CA VAL B 2 -1.95 -0.24 13.99
C VAL B 2 -1.15 -0.84 15.12
N GLN B 3 -1.53 -0.52 16.35
CA GLN B 3 -0.89 -1.04 17.56
C GLN B 3 0.62 -0.81 17.53
N SER B 4 1.00 0.41 17.19
CA SER B 4 2.40 0.74 16.95
C SER B 4 2.82 1.94 17.78
N LYS B 5 4.14 2.15 17.86
CA LYS B 5 4.74 3.36 18.40
C LYS B 5 5.45 4.03 17.24
N ILE B 6 4.87 5.11 16.74
CA ILE B 6 5.39 5.79 15.56
C ILE B 6 5.77 7.20 15.95
N GLY B 7 7.05 7.53 15.82
CA GLY B 7 7.52 8.88 16.10
C GLY B 7 7.26 9.33 17.52
N SER B 8 7.52 8.47 18.50
CA SER B 8 7.22 8.77 19.89
C SER B 8 8.46 8.56 20.74
N LEU B 9 8.38 9.05 21.98
CA LEU B 9 9.44 8.91 22.96
C LEU B 9 8.87 8.33 24.24
N ASP B 10 9.50 7.29 24.76
CA ASP B 10 9.09 6.69 26.02
C ASP B 10 10.28 6.66 26.96
N ASN B 11 10.11 7.27 28.13
CA ASN B 11 11.12 7.23 29.19
C ASN B 11 10.49 6.64 30.43
N ILE B 12 11.02 5.52 30.89
CA ILE B 12 10.51 4.84 32.07
C ILE B 12 11.64 4.72 33.07
N THR B 13 11.38 5.16 34.30
CA THR B 13 12.33 5.02 35.40
C THR B 13 11.65 4.24 36.51
N HIS B 14 12.31 3.19 36.97
CA HIS B 14 11.75 2.37 38.04
C HIS B 14 12.77 2.25 39.16
N VAL C 2 20.38 23.84 12.26
CA VAL C 2 20.96 23.87 13.59
C VAL C 2 22.31 24.54 13.54
N GLN C 3 22.36 25.78 14.04
CA GLN C 3 23.59 26.56 14.12
C GLN C 3 24.24 26.71 12.76
N SER C 4 23.44 27.05 11.76
CA SER C 4 23.89 27.18 10.39
C SER C 4 23.56 28.56 9.86
N LYS C 5 24.17 28.90 8.74
CA LYS C 5 23.98 30.21 8.12
C LYS C 5 23.83 30.06 6.61
N ILE C 6 22.91 30.82 6.04
CA ILE C 6 22.76 30.94 4.61
C ILE C 6 23.13 32.36 4.24
N GLY C 7 24.30 32.54 3.63
CA GLY C 7 24.66 33.86 3.16
C GLY C 7 23.77 34.33 2.02
N SER C 8 23.49 33.43 1.07
CA SER C 8 22.68 33.75 -0.08
C SER C 8 22.38 32.45 -0.81
N LEU C 9 21.33 32.46 -1.62
CA LEU C 9 21.02 31.33 -2.48
C LEU C 9 21.17 31.67 -3.96
N ASP C 10 20.49 32.71 -4.42
CA ASP C 10 20.57 33.12 -5.82
C ASP C 10 21.03 34.56 -5.90
N ASN C 11 22.05 34.81 -6.70
CA ASN C 11 22.56 36.15 -6.94
C ASN C 11 22.57 36.34 -8.45
N ILE C 12 21.49 36.90 -8.97
CA ILE C 12 21.28 37.03 -10.40
C ILE C 12 21.42 38.49 -10.78
N THR C 13 22.22 38.74 -11.83
CA THR C 13 22.45 40.08 -12.34
C THR C 13 22.12 40.12 -13.82
N HIS C 14 21.39 41.15 -14.23
CA HIS C 14 21.07 41.33 -15.63
C HIS C 14 21.86 42.49 -16.24
N VAL D 2 4.15 12.25 8.31
CA VAL D 2 3.41 11.55 7.27
C VAL D 2 2.91 12.48 6.19
N GLN D 3 3.49 12.37 5.00
CA GLN D 3 3.11 13.18 3.85
C GLN D 3 3.16 14.67 4.17
N SER D 4 4.14 15.05 4.99
CA SER D 4 4.29 16.42 5.44
C SER D 4 5.57 17.03 4.88
N LYS D 5 5.70 18.33 5.09
CA LYS D 5 6.90 19.10 4.75
C LYS D 5 7.45 19.62 6.07
N ILE D 6 8.35 18.86 6.67
CA ILE D 6 8.77 19.07 8.05
C ILE D 6 10.17 19.68 8.08
N GLY D 7 10.26 20.89 8.59
CA GLY D 7 11.56 21.54 8.76
C GLY D 7 12.35 21.69 7.48
N SER D 8 11.69 22.08 6.40
CA SER D 8 12.34 22.22 5.10
C SER D 8 12.17 23.63 4.58
N LEU D 9 13.06 24.01 3.66
CA LEU D 9 13.04 25.34 3.06
C LEU D 9 12.89 25.21 1.56
N ASP D 10 11.95 25.95 0.99
CA ASP D 10 11.73 25.97 -0.44
C ASP D 10 11.89 27.38 -0.95
N ASN D 11 12.75 27.56 -1.94
CA ASN D 11 12.97 28.85 -2.58
C ASN D 11 12.73 28.68 -4.07
N ILE D 12 11.80 29.45 -4.62
CA ILE D 12 11.41 29.34 -6.01
C ILE D 12 11.49 30.73 -6.64
N THR D 13 12.21 30.84 -7.74
CA THR D 13 12.34 32.10 -8.46
C THR D 13 11.95 31.90 -9.92
N HIS D 14 11.06 32.73 -10.42
CA HIS D 14 10.70 32.70 -11.83
C HIS D 14 11.14 33.99 -12.50
N VAL E 2 -18.32 -11.11 -10.11
CA VAL E 2 -19.00 -12.30 -9.66
C VAL E 2 -20.28 -12.48 -10.45
N GLN E 3 -20.27 -13.43 -11.37
CA GLN E 3 -21.43 -13.75 -12.19
C GLN E 3 -21.91 -12.53 -12.98
N SER E 4 -20.97 -11.74 -13.45
CA SER E 4 -21.26 -10.51 -14.16
C SER E 4 -20.82 -10.62 -15.61
N LYS E 5 -20.95 -9.53 -16.34
CA LYS E 5 -20.67 -9.56 -17.77
C LYS E 5 -20.37 -8.15 -18.25
N ILE E 6 -19.37 -8.03 -19.11
CA ILE E 6 -19.05 -6.77 -19.77
C ILE E 6 -19.20 -7.01 -21.26
N GLY E 7 -20.22 -6.39 -21.86
CA GLY E 7 -20.40 -6.53 -23.29
C GLY E 7 -19.39 -5.72 -24.07
N SER E 8 -19.02 -4.55 -23.54
CA SER E 8 -18.07 -3.66 -24.19
C SER E 8 -17.76 -2.54 -23.21
N LEU E 9 -16.67 -1.83 -23.47
CA LEU E 9 -16.37 -0.61 -22.72
C LEU E 9 -16.26 0.61 -23.62
N ASP E 10 -15.53 0.51 -24.73
CA ASP E 10 -15.35 1.65 -25.62
C ASP E 10 -15.66 1.21 -27.03
N ASN E 11 -16.61 1.90 -27.67
CA ASN E 11 -16.97 1.65 -29.06
C ASN E 11 -16.77 2.96 -29.81
N ILE E 12 -15.63 3.08 -30.47
CA ILE E 12 -15.20 4.33 -31.09
C ILE E 12 -15.14 4.13 -32.59
N THR E 13 -15.65 5.11 -33.33
CA THR E 13 -15.74 5.02 -34.79
C THR E 13 -15.25 6.31 -35.41
N HIS E 14 -14.55 6.18 -36.54
CA HIS E 14 -14.08 7.36 -37.28
C HIS E 14 -14.35 7.23 -38.77
N VAL F 2 -4.65 0.09 1.64
CA VAL F 2 -3.90 1.32 1.80
C VAL F 2 -3.37 1.81 0.47
N GLN F 3 -4.00 2.85 -0.07
CA GLN F 3 -3.60 3.45 -1.34
C GLN F 3 -3.60 2.42 -2.46
N SER F 4 -4.68 1.65 -2.55
CA SER F 4 -4.80 0.56 -3.50
C SER F 4 -6.04 0.76 -4.36
N LYS F 5 -6.12 -0.02 -5.43
CA LYS F 5 -7.34 -0.15 -6.24
C LYS F 5 -7.84 -1.57 -6.05
N ILE F 6 -8.84 -1.74 -5.19
CA ILE F 6 -9.29 -3.06 -4.76
C ILE F 6 -10.65 -3.34 -5.36
N GLY F 7 -10.70 -4.29 -6.29
CA GLY F 7 -11.96 -4.66 -6.91
C GLY F 7 -12.66 -3.53 -7.62
N SER F 8 -11.91 -2.69 -8.34
CA SER F 8 -12.48 -1.55 -9.02
C SER F 8 -12.24 -1.64 -10.52
N LEU F 9 -12.97 -0.83 -11.26
CA LEU F 9 -12.82 -0.74 -12.71
C LEU F 9 -12.48 0.69 -13.07
N ASP F 10 -11.41 0.88 -13.84
CA ASP F 10 -10.99 2.19 -14.31
C ASP F 10 -10.98 2.19 -15.82
N ASN F 11 -11.67 3.14 -16.42
CA ASN F 11 -11.71 3.29 -17.87
C ASN F 11 -11.32 4.72 -18.21
N ILE F 12 -10.23 4.88 -18.96
CA ILE F 12 -9.68 6.18 -19.27
C ILE F 12 -9.52 6.28 -20.78
N THR F 13 -10.21 7.24 -21.38
CA THR F 13 -10.17 7.43 -22.83
C THR F 13 -9.65 8.82 -23.14
N HIS F 14 -8.56 8.89 -23.91
CA HIS F 14 -8.05 10.15 -24.39
C HIS F 14 -8.33 10.30 -25.87
N VAL G 2 -25.71 -17.89 -13.68
CA VAL G 2 -25.88 -17.28 -14.98
C VAL G 2 -26.41 -18.29 -15.98
N GLN G 3 -27.65 -18.08 -16.41
CA GLN G 3 -28.28 -18.90 -17.44
C GLN G 3 -28.27 -20.38 -17.05
N SER G 4 -28.54 -20.65 -15.78
CA SER G 4 -28.46 -21.99 -15.23
C SER G 4 -29.79 -22.39 -14.64
N LYS G 5 -29.93 -23.67 -14.34
CA LYS G 5 -31.16 -24.22 -13.82
C LYS G 5 -30.86 -25.19 -12.69
N ILE G 6 -31.61 -25.09 -11.60
CA ILE G 6 -31.61 -26.12 -10.56
C ILE G 6 -32.93 -26.87 -10.66
N GLY G 7 -32.87 -28.13 -11.10
CA GLY G 7 -34.05 -28.96 -11.06
C GLY G 7 -34.49 -29.26 -9.65
N SER G 8 -33.56 -29.64 -8.79
CA SER G 8 -33.84 -29.95 -7.40
C SER G 8 -32.53 -30.05 -6.65
N LEU G 9 -32.61 -29.97 -5.32
CA LEU G 9 -31.45 -30.20 -4.48
C LEU G 9 -31.62 -31.43 -3.60
N ASP G 10 -32.72 -31.51 -2.84
CA ASP G 10 -32.99 -32.65 -1.98
C ASP G 10 -34.33 -33.24 -2.36
N ASN G 11 -34.32 -34.48 -2.85
CA ASN G 11 -35.53 -35.24 -3.13
C ASN G 11 -35.57 -36.40 -2.14
N ILE G 12 -36.29 -36.22 -1.05
CA ILE G 12 -36.38 -37.22 0.01
C ILE G 12 -37.75 -37.88 -0.05
N THR G 13 -37.75 -39.20 -0.17
CA THR G 13 -38.96 -40.01 -0.10
C THR G 13 -38.89 -40.82 1.18
N HIS G 14 -39.82 -40.57 2.10
CA HIS G 14 -39.81 -41.26 3.37
C HIS G 14 -41.05 -42.11 3.55
N VAL H 2 -14.98 -8.73 0.99
CA VAL H 2 -14.19 -8.90 2.19
C VAL H 2 -15.06 -9.46 3.30
N GLN H 3 -14.81 -10.70 3.69
CA GLN H 3 -15.57 -11.39 4.73
C GLN H 3 -17.08 -11.39 4.44
N SER H 4 -17.41 -11.67 3.19
CA SER H 4 -18.78 -11.59 2.71
C SER H 4 -19.25 -12.93 2.18
N LYS H 5 -20.56 -13.03 1.99
CA LYS H 5 -21.20 -14.13 1.27
C LYS H 5 -21.79 -13.51 0.01
N ILE H 6 -21.13 -13.74 -1.12
CA ILE H 6 -21.48 -13.07 -2.36
C ILE H 6 -21.85 -14.12 -3.40
N GLY H 7 -23.00 -13.93 -4.04
CA GLY H 7 -23.43 -14.77 -5.14
C GLY H 7 -23.43 -16.25 -4.83
N SER H 8 -23.98 -16.62 -3.69
CA SER H 8 -23.95 -18.01 -3.25
C SER H 8 -25.35 -18.48 -2.90
N LEU H 9 -25.51 -19.80 -2.84
CA LEU H 9 -26.74 -20.43 -2.41
C LEU H 9 -26.42 -21.36 -1.25
N ASP H 10 -27.29 -21.38 -0.25
CA ASP H 10 -27.09 -22.22 0.93
C ASP H 10 -28.40 -22.93 1.25
N ASN H 11 -28.43 -24.25 1.03
CA ASN H 11 -29.60 -25.07 1.34
C ASN H 11 -29.26 -25.98 2.51
N ILE H 12 -30.09 -25.94 3.55
CA ILE H 12 -29.85 -26.72 4.76
C ILE H 12 -31.16 -27.40 5.14
N THR H 13 -31.14 -28.72 5.20
CA THR H 13 -32.28 -29.51 5.64
C THR H 13 -31.91 -30.25 6.91
N HIS H 14 -32.67 -30.04 7.96
CA HIS H 14 -32.39 -30.71 9.23
C HIS H 14 -33.42 -31.81 9.48
N VAL I 2 17.21 12.90 12.30
CA VAL I 2 17.61 13.75 11.20
C VAL I 2 18.20 15.05 11.73
N GLN I 3 19.48 15.26 11.47
CA GLN I 3 20.16 16.51 11.83
C GLN I 3 19.98 16.84 13.31
N SER I 4 19.98 15.81 14.13
CA SER I 4 19.72 15.94 15.55
C SER I 4 20.95 15.59 16.35
N LYS I 5 20.79 15.54 17.66
CA LYS I 5 21.92 15.29 18.55
C LYS I 5 21.42 14.84 19.90
N ILE I 6 21.94 13.74 20.39
CA ILE I 6 21.66 13.28 21.75
C ILE I 6 22.91 13.56 22.58
N GLY I 7 22.81 14.49 23.52
CA GLY I 7 23.90 14.70 24.44
C GLY I 7 24.10 13.54 25.39
N SER I 8 23.01 13.03 25.95
CA SER I 8 23.07 11.94 26.90
C SER I 8 21.65 11.42 27.12
N LEU I 9 21.55 10.21 27.65
CA LEU I 9 20.25 9.66 28.01
C LEU I 9 20.14 9.40 29.50
N ASP I 10 21.09 8.67 30.09
CA ASP I 10 21.07 8.37 31.52
C ASP I 10 22.37 8.84 32.13
N ASN I 11 22.28 9.69 33.14
CA ASN I 11 23.45 10.18 33.87
C ASN I 11 23.26 9.80 35.33
N ILE I 12 23.77 8.64 35.71
CA ILE I 12 23.56 8.07 37.03
C ILE I 12 24.83 8.25 37.86
N THR I 13 24.68 8.80 39.05
CA THR I 13 25.77 8.93 40.01
C THR I 13 25.38 8.15 41.25
N HIS I 14 26.27 7.27 41.71
CA HIS I 14 25.98 6.49 42.90
C HIS I 14 27.17 6.43 43.84
N VAL J 2 2.35 -2.18 11.62
CA VAL J 2 1.57 -3.12 12.40
C VAL J 2 2.39 -3.70 13.53
N GLN J 3 2.02 -3.36 14.77
CA GLN J 3 2.67 -3.86 15.97
C GLN J 3 4.18 -3.63 15.91
N SER J 4 4.56 -2.40 15.56
CA SER J 4 5.94 -2.07 15.30
C SER J 4 6.37 -0.85 16.11
N LYS J 5 7.68 -0.65 16.17
CA LYS J 5 8.28 0.58 16.68
C LYS J 5 8.98 1.24 15.50
N ILE J 6 8.39 2.32 14.99
CA ILE J 6 8.89 2.98 13.80
C ILE J 6 9.27 4.40 14.16
N GLY J 7 10.54 4.73 14.01
CA GLY J 7 11.00 6.09 14.28
C GLY J 7 10.76 6.55 15.70
N SER J 8 11.03 5.71 16.68
CA SER J 8 10.75 6.03 18.06
C SER J 8 12.00 5.84 18.91
N LEU J 9 11.94 6.35 20.14
CA LEU J 9 13.01 6.23 21.12
C LEU J 9 12.45 5.66 22.40
N ASP J 10 13.10 4.63 22.93
CA ASP J 10 12.71 4.04 24.21
C ASP J 10 13.91 4.03 25.13
N ASN J 11 13.75 4.65 26.30
CA ASN J 11 14.77 4.64 27.34
C ASN J 11 14.15 4.06 28.59
N ILE J 12 14.69 2.94 29.06
CA ILE J 12 14.20 2.28 30.26
C ILE J 12 15.35 2.18 31.25
N THR J 13 15.10 2.63 32.48
CA THR J 13 16.06 2.52 33.56
C THR J 13 15.41 1.75 34.69
N HIS J 14 16.08 0.70 35.16
CA HIS J 14 15.54 -0.10 36.24
C HIS J 14 16.57 -0.20 37.36
N VAL K 2 23.72 21.07 10.09
CA VAL K 2 24.31 21.12 11.41
C VAL K 2 25.67 21.81 11.34
N GLN K 3 25.71 23.05 11.82
CA GLN K 3 26.94 23.84 11.88
C GLN K 3 27.57 23.98 10.49
N SER K 4 26.75 24.30 9.50
CA SER K 4 27.19 24.41 8.13
C SER K 4 26.85 25.78 7.59
N LYS K 5 27.44 26.12 6.45
CA LYS K 5 27.23 27.41 5.81
C LYS K 5 27.06 27.24 4.31
N ILE K 6 26.13 27.99 3.75
CA ILE K 6 25.98 28.09 2.31
C ILE K 6 26.32 29.51 1.91
N GLY K 7 27.49 29.68 1.30
CA GLY K 7 27.83 31.00 0.80
C GLY K 7 26.92 31.44 -0.33
N SER K 8 26.64 30.55 -1.26
CA SER K 8 25.80 30.83 -2.42
C SER K 8 25.51 29.52 -3.12
N LEU K 9 24.45 29.51 -3.92
CA LEU K 9 24.14 28.37 -4.77
C LEU K 9 24.27 28.70 -6.25
N ASP K 10 23.58 29.73 -6.72
CA ASP K 10 23.64 30.11 -8.12
C ASP K 10 24.08 31.56 -8.22
N ASN K 11 25.11 31.80 -9.04
CA ASN K 11 25.60 33.15 -9.31
C ASN K 11 25.59 33.31 -10.82
N ILE K 12 24.49 33.86 -11.33
CA ILE K 12 24.27 33.97 -12.76
C ILE K 12 24.40 35.42 -13.17
N THR K 13 25.18 35.66 -14.22
CA THR K 13 25.39 37.00 -14.75
C THR K 13 25.05 37.01 -16.23
N HIS K 14 24.31 38.04 -16.65
CA HIS K 14 23.97 38.20 -18.05
C HIS K 14 24.75 39.35 -18.67
N VAL L 2 7.51 9.28 6.36
CA VAL L 2 6.77 8.55 5.34
C VAL L 2 6.26 9.48 4.25
N GLN L 3 6.83 9.36 3.06
CA GLN L 3 6.43 10.15 1.90
C GLN L 3 6.49 11.64 2.20
N SER L 4 7.47 12.04 3.00
CA SER L 4 7.62 13.41 3.44
C SER L 4 8.89 14.02 2.86
N LYS L 5 9.02 15.32 3.05
CA LYS L 5 10.21 16.09 2.69
C LYS L 5 10.77 16.63 4.00
N ILE L 6 11.68 15.88 4.61
CA ILE L 6 12.11 16.10 5.98
C ILE L 6 13.50 16.72 5.98
N GLY L 7 13.60 17.94 6.48
CA GLY L 7 14.89 18.59 6.63
C GLY L 7 15.67 18.74 5.34
N SER L 8 15.01 19.11 4.27
CA SER L 8 15.64 19.22 2.97
C SER L 8 15.46 20.63 2.42
N LEU L 9 16.34 21.00 1.49
CA LEU L 9 16.32 22.33 0.88
C LEU L 9 16.16 22.17 -0.62
N ASP L 10 15.21 22.90 -1.20
CA ASP L 10 14.98 22.90 -2.63
C ASP L 10 15.12 24.32 -3.16
N ASN L 11 15.98 24.48 -4.16
CA ASN L 11 16.18 25.76 -4.81
C ASN L 11 15.95 25.58 -6.30
N ILE L 12 14.99 26.34 -6.84
CA ILE L 12 14.61 26.20 -8.24
C ILE L 12 14.67 27.59 -8.87
N THR L 13 15.37 27.69 -9.99
CA THR L 13 15.50 28.93 -10.73
C THR L 13 15.11 28.71 -12.18
N HIS L 14 14.19 29.54 -12.68
CA HIS L 14 13.83 29.48 -14.09
C HIS L 14 14.27 30.76 -14.78
N VAL M 2 -15.02 -14.41 -11.35
CA VAL M 2 -15.68 -15.60 -10.88
C VAL M 2 -16.98 -15.79 -11.65
N GLN M 3 -16.97 -16.76 -12.56
CA GLN M 3 -18.14 -17.10 -13.36
C GLN M 3 -18.64 -15.89 -14.16
N SER M 4 -17.70 -15.10 -14.66
CA SER M 4 -18.01 -13.87 -15.38
C SER M 4 -17.59 -14.01 -16.83
N LYS M 5 -17.73 -12.93 -17.59
CA LYS M 5 -17.47 -12.97 -19.01
C LYS M 5 -17.19 -11.57 -19.52
N ILE M 6 -16.19 -11.45 -20.39
CA ILE M 6 -15.88 -10.20 -21.07
C ILE M 6 -16.06 -10.46 -22.55
N GLY M 7 -17.09 -9.86 -23.14
CA GLY M 7 -17.29 -10.02 -24.57
C GLY M 7 -16.29 -9.21 -25.38
N SER M 8 -15.92 -8.04 -24.87
CA SER M 8 -14.98 -7.14 -25.53
C SER M 8 -14.67 -6.01 -24.57
N LEU M 9 -13.59 -5.29 -24.86
CA LEU M 9 -13.27 -4.07 -24.13
C LEU M 9 -13.18 -2.86 -25.05
N ASP M 10 -12.47 -2.96 -26.15
CA ASP M 10 -12.31 -1.83 -27.07
C ASP M 10 -12.64 -2.30 -28.48
N ASN M 11 -13.59 -1.62 -29.11
CA ASN M 11 -13.97 -1.90 -30.49
C ASN M 11 -13.79 -0.59 -31.26
N ILE M 12 -12.67 -0.47 -31.94
CA ILE M 12 -12.24 0.77 -32.57
C ILE M 12 -12.20 0.55 -34.07
N THR M 13 -12.72 1.51 -34.83
CA THR M 13 -12.84 1.41 -36.28
C THR M 13 -12.34 2.69 -36.93
N HIS M 14 -11.67 2.56 -38.06
CA HIS M 14 -11.23 3.72 -38.81
C HIS M 14 -11.49 3.56 -40.30
N VAL N 2 -1.34 -2.95 0.11
CA VAL N 2 -0.58 -1.73 0.23
C VAL N 2 -0.06 -1.27 -1.11
N GLN N 3 -0.68 -0.23 -1.66
CA GLN N 3 -0.29 0.33 -2.95
C GLN N 3 -0.31 -0.72 -4.05
N SER N 4 -1.39 -1.47 -4.12
CA SER N 4 -1.53 -2.57 -5.04
C SER N 4 -2.78 -2.39 -5.90
N LYS N 5 -2.88 -3.19 -6.95
CA LYS N 5 -4.09 -3.33 -7.74
C LYS N 5 -4.61 -4.74 -7.52
N ILE N 6 -5.60 -4.89 -6.66
CA ILE N 6 -6.06 -6.19 -6.20
C ILE N 6 -7.43 -6.47 -6.78
N GLY N 7 -7.49 -7.44 -7.68
CA GLY N 7 -8.76 -7.81 -8.30
C GLY N 7 -9.45 -6.68 -9.02
N SER N 8 -8.71 -5.88 -9.77
CA SER N 8 -9.28 -4.75 -10.46
C SER N 8 -9.05 -4.86 -11.96
N LEU N 9 -9.78 -4.06 -12.71
CA LEU N 9 -9.64 -4.01 -14.16
C LEU N 9 -9.29 -2.58 -14.55
N ASP N 10 -8.23 -2.42 -15.34
CA ASP N 10 -7.80 -1.12 -15.82
C ASP N 10 -7.80 -1.15 -17.35
N ASN N 11 -8.49 -0.20 -17.95
CA ASN N 11 -8.55 -0.07 -19.40
C ASN N 11 -8.14 1.34 -19.78
N ILE N 12 -7.06 1.48 -20.53
CA ILE N 12 -6.51 2.77 -20.89
C ILE N 12 -6.37 2.84 -22.39
N THR N 13 -7.05 3.79 -23.02
CA THR N 13 -7.02 3.95 -24.46
C THR N 13 -6.49 5.33 -24.81
N HIS N 14 -5.41 5.38 -25.57
CA HIS N 14 -4.89 6.64 -26.09
C HIS N 14 -5.18 6.75 -27.57
N VAL O 2 -22.15 -21.55 -14.83
CA VAL O 2 -22.33 -20.96 -16.14
C VAL O 2 -22.87 -21.99 -17.12
N GLN O 3 -24.13 -21.79 -17.53
CA GLN O 3 -24.77 -22.63 -18.54
C GLN O 3 -24.74 -24.09 -18.14
N SER O 4 -25.01 -24.35 -16.86
CA SER O 4 -24.91 -25.68 -16.30
C SER O 4 -26.25 -26.07 -15.69
N LYS O 5 -26.37 -27.35 -15.37
CA LYS O 5 -27.60 -27.90 -14.82
C LYS O 5 -27.29 -28.84 -13.68
N ILE O 6 -28.03 -28.72 -12.59
CA ILE O 6 -28.02 -29.72 -11.53
C ILE O 6 -29.33 -30.48 -11.60
N GLY O 7 -29.26 -31.75 -12.02
CA GLY O 7 -30.46 -32.58 -11.96
C GLY O 7 -30.89 -32.87 -10.54
N SER O 8 -29.94 -33.23 -9.68
CA SER O 8 -30.21 -33.52 -8.28
C SER O 8 -28.89 -33.62 -7.55
N LEU O 9 -28.96 -33.51 -6.22
CA LEU O 9 -27.78 -33.73 -5.39
C LEU O 9 -27.95 -34.94 -4.49
N ASP O 10 -29.03 -35.01 -3.71
CA ASP O 10 -29.30 -36.14 -2.83
C ASP O 10 -30.65 -36.74 -3.20
N ASN O 11 -30.64 -37.98 -3.65
CA ASN O 11 -31.85 -38.75 -3.91
C ASN O 11 -31.88 -39.89 -2.91
N ILE O 12 -32.59 -39.69 -1.81
CA ILE O 12 -32.66 -40.68 -0.75
C ILE O 12 -34.03 -41.34 -0.77
N THR O 13 -34.04 -42.66 -0.87
CA THR O 13 -35.25 -43.46 -0.78
C THR O 13 -35.16 -44.26 0.52
N HIS O 14 -36.08 -43.99 1.44
CA HIS O 14 -36.05 -44.67 2.73
C HIS O 14 -37.29 -45.52 2.93
N VAL P 2 -11.61 -11.84 -0.53
CA VAL P 2 -10.78 -11.98 0.65
C VAL P 2 -11.61 -12.52 1.80
N GLN P 3 -11.35 -13.76 2.20
CA GLN P 3 -12.07 -14.43 3.28
C GLN P 3 -13.58 -14.45 3.02
N SER P 4 -13.94 -14.75 1.80
CA SER P 4 -15.33 -14.70 1.36
C SER P 4 -15.80 -16.06 0.86
N LYS P 5 -17.11 -16.17 0.71
CA LYS P 5 -17.76 -17.29 0.03
C LYS P 5 -18.39 -16.71 -1.22
N ILE P 6 -17.76 -16.95 -2.36
CA ILE P 6 -18.14 -16.31 -3.62
C ILE P 6 -18.53 -17.39 -4.62
N GLY P 7 -19.70 -17.23 -5.23
CA GLY P 7 -20.14 -18.09 -6.30
C GLY P 7 -20.14 -19.57 -5.96
N SER P 8 -20.65 -19.92 -4.80
CA SER P 8 -20.59 -21.29 -4.32
C SER P 8 -21.98 -21.77 -3.93
N LEU P 9 -22.12 -23.09 -3.84
CA LEU P 9 -23.33 -23.72 -3.36
C LEU P 9 -22.98 -24.63 -2.19
N ASP P 10 -23.81 -24.63 -1.17
CA ASP P 10 -23.59 -25.44 0.02
C ASP P 10 -24.87 -26.16 0.39
N ASN P 11 -24.90 -27.48 0.20
CA ASN P 11 -26.04 -28.31 0.56
C ASN P 11 -25.66 -29.18 1.74
N ILE P 12 -26.46 -29.13 2.80
CA ILE P 12 -26.20 -29.89 4.02
C ILE P 12 -27.48 -30.56 4.45
N THR P 13 -27.45 -31.89 4.54
CA THR P 13 -28.57 -32.68 5.02
C THR P 13 -28.16 -33.39 6.30
N HIS P 14 -28.90 -33.17 7.37
CA HIS P 14 -28.57 -33.80 8.64
C HIS P 14 -29.58 -34.90 8.94
N VAL Q 2 20.61 10.12 10.32
CA VAL Q 2 21.00 10.96 9.20
C VAL Q 2 21.58 12.26 9.71
N GLN Q 3 22.87 12.48 9.44
CA GLN Q 3 23.55 13.73 9.77
C GLN Q 3 23.38 14.08 11.24
N SER Q 4 23.39 13.06 12.08
CA SER Q 4 23.14 13.22 13.50
C SER Q 4 24.40 12.88 14.28
N LYS Q 5 24.25 12.85 15.61
CA LYS Q 5 25.39 12.62 16.48
C LYS Q 5 24.91 12.19 17.85
N ILE Q 6 25.44 11.08 18.34
CA ILE Q 6 25.19 10.65 19.71
C ILE Q 6 26.43 10.94 20.52
N GLY Q 7 26.33 11.89 21.45
CA GLY Q 7 27.44 12.12 22.35
C GLY Q 7 27.65 10.98 23.31
N SER Q 8 26.57 10.47 23.90
CA SER Q 8 26.66 9.39 24.86
C SER Q 8 25.25 8.86 25.11
N LEU Q 9 25.15 7.65 25.65
CA LEU Q 9 23.86 7.10 26.03
C LEU Q 9 23.78 6.86 27.53
N ASP Q 10 24.73 6.15 28.12
CA ASP Q 10 24.73 5.88 29.55
C ASP Q 10 26.05 6.35 30.14
N ASN Q 11 25.97 7.22 31.14
CA ASN Q 11 27.13 7.72 31.85
C ASN Q 11 26.96 7.35 33.31
N ILE Q 12 27.49 6.21 33.70
CA ILE Q 12 27.30 5.67 35.04
C ILE Q 12 28.58 5.86 35.83
N THR Q 13 28.43 6.42 37.03
CA THR Q 13 29.53 6.57 37.98
C THR Q 13 29.17 5.80 39.24
N HIS Q 14 30.06 4.94 39.69
CA HIS Q 14 29.79 4.17 40.89
C HIS Q 14 31.00 4.13 41.82
N VAL R 2 5.85 -5.06 10.03
CA VAL R 2 5.08 -6.00 10.82
C VAL R 2 5.92 -6.55 11.95
N GLN R 3 5.55 -6.21 13.17
CA GLN R 3 6.23 -6.68 14.38
C GLN R 3 7.73 -6.44 14.30
N SER R 4 8.11 -5.22 13.93
CA SER R 4 9.49 -4.88 13.64
C SER R 4 9.91 -3.65 14.44
N LYS R 5 11.22 -3.43 14.48
CA LYS R 5 11.83 -2.20 14.96
C LYS R 5 12.51 -1.55 13.77
N ILE R 6 11.90 -0.48 13.26
CA ILE R 6 12.38 0.16 12.05
C ILE R 6 12.75 1.60 12.39
N GLY R 7 14.02 1.93 12.22
CA GLY R 7 14.47 3.29 12.47
C GLY R 7 14.25 3.78 13.88
N SER R 8 14.54 2.94 14.86
CA SER R 8 14.28 3.28 16.25
C SER R 8 15.53 3.12 17.08
N LEU R 9 15.48 3.62 18.30
CA LEU R 9 16.56 3.54 19.26
C LEU R 9 16.02 2.98 20.57
N ASP R 10 16.68 1.96 21.10
CA ASP R 10 16.31 1.39 22.39
C ASP R 10 17.52 1.41 23.31
N ASN R 11 17.38 2.03 24.46
CA ASN R 11 18.41 2.03 25.49
C ASN R 11 17.81 1.48 26.77
N ILE R 12 18.36 0.37 27.24
CA ILE R 12 17.89 -0.29 28.45
C ILE R 12 19.05 -0.35 29.43
N THR R 13 18.82 0.10 30.65
CA THR R 13 19.79 0.00 31.72
C THR R 13 19.16 -0.75 32.87
N HIS R 14 19.83 -1.78 33.35
CA HIS R 14 19.31 -2.57 34.45
C HIS R 14 20.35 -2.65 35.56
N VAL S 2 27.05 18.30 7.92
CA VAL S 2 27.66 18.37 9.23
C VAL S 2 29.00 19.06 9.14
N GLN S 3 29.05 20.32 9.60
CA GLN S 3 30.28 21.11 9.63
C GLN S 3 30.89 21.24 8.25
N SER S 4 30.05 21.53 7.26
CA SER S 4 30.48 21.63 5.88
C SER S 4 30.12 22.99 5.31
N LYS S 5 30.70 23.31 4.16
CA LYS S 5 30.47 24.60 3.52
C LYS S 5 30.29 24.41 2.03
N ILE S 6 29.34 25.15 1.46
CA ILE S 6 29.16 25.22 0.02
C ILE S 6 29.50 26.64 -0.39
N GLY S 7 30.66 26.82 -1.03
CA GLY S 7 30.99 28.13 -1.55
C GLY S 7 30.06 28.55 -2.67
N SER S 8 29.78 27.63 -3.59
CA SER S 8 28.93 27.90 -4.73
C SER S 8 28.63 26.58 -5.42
N LEU S 9 27.56 26.55 -6.20
CA LEU S 9 27.26 25.40 -7.03
C LEU S 9 27.35 25.71 -8.51
N ASP S 10 26.66 26.73 -8.99
CA ASP S 10 26.69 27.09 -10.41
C ASP S 10 27.13 28.54 -10.53
N ASN S 11 28.14 28.78 -11.36
CA ASN S 11 28.63 30.12 -11.65
C ASN S 11 28.59 30.27 -13.16
N ILE S 12 27.49 30.81 -13.68
CA ILE S 12 27.24 30.89 -15.10
C ILE S 12 27.37 32.34 -15.53
N THR S 13 28.12 32.57 -16.60
CA THR S 13 28.33 33.90 -17.14
C THR S 13 27.97 33.90 -18.62
N HIS S 14 27.22 34.91 -19.05
CA HIS S 14 26.85 35.05 -20.44
C HIS S 14 27.62 36.19 -21.09
N VAL T 2 11.06 6.34 4.61
CA VAL T 2 10.32 5.58 3.60
C VAL T 2 9.78 6.47 2.51
N GLN T 3 10.33 6.33 1.31
CA GLN T 3 9.91 7.09 0.14
C GLN T 3 9.94 8.59 0.41
N SER T 4 10.93 9.02 1.18
CA SER T 4 11.07 10.41 1.58
C SER T 4 12.33 11.02 0.98
N LYS T 5 12.44 12.33 1.14
CA LYS T 5 13.61 13.10 0.74
C LYS T 5 14.18 13.68 2.04
N ILE T 6 15.12 12.95 2.63
CA ILE T 6 15.55 13.22 4.00
C ILE T 6 16.94 13.85 3.97
N GLY T 7 17.03 15.09 4.44
CA GLY T 7 18.31 15.76 4.56
C GLY T 7 19.08 15.88 3.26
N SER T 8 18.39 16.22 2.17
CA SER T 8 19.00 16.32 0.86
C SER T 8 18.80 17.71 0.29
N LEU T 9 19.66 18.07 -0.66
CA LEU T 9 19.61 19.37 -1.30
C LEU T 9 19.43 19.18 -2.79
N ASP T 10 18.46 19.89 -3.38
CA ASP T 10 18.21 19.85 -4.80
C ASP T 10 18.34 21.25 -5.37
N ASN T 11 19.18 21.41 -6.38
CA ASN T 11 19.36 22.68 -7.06
C ASN T 11 19.10 22.46 -8.54
N ILE T 12 18.14 23.18 -9.10
CA ILE T 12 17.72 23.02 -10.49
C ILE T 12 17.77 24.38 -11.15
N THR T 13 18.45 24.47 -12.29
CA THR T 13 18.55 25.70 -13.05
C THR T 13 18.13 25.44 -14.49
N HIS T 14 17.21 26.23 -15.00
CA HIS T 14 16.83 26.15 -16.40
C HIS T 14 17.24 27.42 -17.12
N VAL U 2 -11.71 -17.69 -12.58
CA VAL U 2 -12.37 -18.89 -12.09
C VAL U 2 -13.67 -19.10 -12.83
N GLN U 3 -13.66 -20.08 -13.74
CA GLN U 3 -14.85 -20.43 -14.52
C GLN U 3 -15.36 -19.24 -15.33
N SER U 4 -14.43 -18.45 -15.85
CA SER U 4 -14.76 -17.23 -16.58
C SER U 4 -14.36 -17.39 -18.03
N LYS U 5 -14.52 -16.31 -18.79
CA LYS U 5 -14.26 -16.38 -20.22
C LYS U 5 -14.00 -14.98 -20.75
N ILE U 6 -13.02 -14.87 -21.64
CA ILE U 6 -12.72 -13.63 -22.34
C ILE U 6 -12.92 -13.91 -23.81
N GLY U 7 -13.96 -13.32 -24.40
CA GLY U 7 -14.17 -13.50 -25.83
C GLY U 7 -13.18 -12.69 -26.65
N SER U 8 -12.83 -11.51 -26.17
CA SER U 8 -11.90 -10.63 -26.85
C SER U 8 -11.58 -9.48 -25.92
N LEU U 9 -10.51 -8.75 -26.23
CA LEU U 9 -10.19 -7.52 -25.52
C LEU U 9 -10.12 -6.33 -26.45
N ASP U 10 -9.43 -6.44 -27.57
CA ASP U 10 -9.27 -5.32 -28.50
C ASP U 10 -9.61 -5.80 -29.90
N ASN U 11 -10.58 -5.14 -30.52
CA ASN U 11 -10.97 -5.43 -31.90
C ASN U 11 -10.81 -4.14 -32.68
N ILE U 12 -9.69 -4.02 -33.38
CA ILE U 12 -9.29 -2.79 -34.03
C ILE U 12 -9.27 -3.03 -35.53
N THR U 13 -9.80 -2.08 -36.29
CA THR U 13 -9.94 -2.21 -37.74
C THR U 13 -9.46 -0.93 -38.41
N HIS U 14 -8.80 -1.07 -39.54
CA HIS U 14 -8.37 0.08 -40.32
C HIS U 14 -8.65 -0.09 -41.81
N VAL V 2 2.02 -6.02 -1.44
CA VAL V 2 2.77 -4.78 -1.34
C VAL V 2 3.28 -4.33 -2.70
N GLN V 3 2.64 -3.31 -3.25
CA GLN V 3 3.02 -2.75 -4.55
C GLN V 3 3.00 -3.83 -5.64
N SER V 4 1.91 -4.59 -5.68
CA SER V 4 1.76 -5.70 -6.59
C SER V 4 0.51 -5.53 -7.43
N LYS V 5 0.40 -6.35 -8.48
CA LYS V 5 -0.82 -6.50 -9.25
C LYS V 5 -1.32 -7.92 -9.01
N ILE V 6 -2.31 -8.06 -8.13
CA ILE V 6 -2.74 -9.36 -7.65
C ILE V 6 -4.13 -9.66 -8.21
N GLY V 7 -4.19 -10.64 -9.10
CA GLY V 7 -5.46 -11.03 -9.68
C GLY V 7 -6.17 -9.91 -10.42
N SER V 8 -5.44 -9.12 -11.18
CA SER V 8 -6.03 -7.99 -11.89
C SER V 8 -5.82 -8.13 -13.38
N LEU V 9 -6.56 -7.34 -14.14
CA LEU V 9 -6.44 -7.30 -15.60
C LEU V 9 -6.10 -5.88 -16.01
N ASP V 10 -5.04 -5.72 -16.80
CA ASP V 10 -4.63 -4.42 -17.32
C ASP V 10 -4.65 -4.48 -18.83
N ASN V 11 -5.36 -3.54 -19.44
CA ASN V 11 -5.43 -3.44 -20.90
C ASN V 11 -5.04 -2.02 -21.30
N ILE V 12 -3.97 -1.90 -22.07
CA ILE V 12 -3.43 -0.59 -22.44
C ILE V 12 -3.31 -0.55 -23.95
N THR V 13 -4.00 0.39 -24.58
CA THR V 13 -3.99 0.53 -26.03
C THR V 13 -3.47 1.92 -26.40
N HIS V 14 -2.40 1.95 -27.18
CA HIS V 14 -1.90 3.21 -27.71
C HIS V 14 -2.21 3.30 -29.19
N VAL W 2 -18.87 -25.02 -15.94
CA VAL W 2 -19.09 -24.45 -17.25
C VAL W 2 -19.66 -25.48 -18.21
N GLN W 3 -20.92 -25.29 -18.59
CA GLN W 3 -21.57 -26.14 -19.58
C GLN W 3 -21.52 -27.61 -19.16
N SER W 4 -21.75 -27.85 -17.87
CA SER W 4 -21.64 -29.18 -17.30
C SER W 4 -22.95 -29.58 -16.65
N LYS W 5 -23.05 -30.86 -16.32
CA LYS W 5 -24.27 -31.40 -15.73
C LYS W 5 -23.91 -32.34 -14.59
N ILE W 6 -24.61 -32.23 -13.48
CA ILE W 6 -24.56 -33.22 -12.42
C ILE W 6 -25.87 -34.00 -12.45
N GLY W 7 -25.81 -35.26 -12.87
CA GLY W 7 -26.98 -36.10 -12.76
C GLY W 7 -27.37 -36.38 -11.32
N SER W 8 -26.40 -36.74 -10.50
CA SER W 8 -26.63 -37.01 -9.09
C SER W 8 -25.29 -37.09 -8.39
N LEU W 9 -25.31 -36.97 -7.06
CA LEU W 9 -24.11 -37.18 -6.26
C LEU W 9 -24.25 -38.39 -5.35
N ASP W 10 -25.30 -38.46 -4.55
CA ASP W 10 -25.54 -39.59 -3.64
C ASP W 10 -26.89 -40.20 -3.97
N ASN W 11 -26.88 -41.44 -4.42
CA ASN W 11 -28.09 -42.22 -4.64
C ASN W 11 -28.08 -43.36 -3.63
N ILE W 12 -28.76 -43.16 -2.51
CA ILE W 12 -28.80 -44.14 -1.43
C ILE W 12 -30.16 -44.81 -1.42
N THR W 13 -30.16 -46.13 -1.51
CA THR W 13 -31.36 -46.96 -1.38
C THR W 13 -31.23 -47.74 -0.09
N HIS W 14 -32.12 -47.48 0.86
CA HIS W 14 -32.05 -48.14 2.16
C HIS W 14 -33.28 -49.00 2.40
N VAL X 2 -8.15 -14.98 -1.64
CA VAL X 2 -7.32 -15.11 -0.45
C VAL X 2 -8.16 -15.65 0.70
N GLN X 3 -7.89 -16.88 1.11
CA GLN X 3 -8.61 -17.55 2.19
C GLN X 3 -10.12 -17.57 1.93
N SER X 4 -10.49 -17.89 0.70
CA SER X 4 -11.87 -17.84 0.26
C SER X 4 -12.33 -19.21 -0.23
N LYS X 5 -13.65 -19.33 -0.39
CA LYS X 5 -14.28 -20.45 -1.07
C LYS X 5 -14.90 -19.88 -2.32
N ILE X 6 -14.28 -20.13 -3.47
CA ILE X 6 -14.67 -19.49 -4.72
C ILE X 6 -15.04 -20.57 -5.72
N GLY X 7 -16.21 -20.41 -6.33
CA GLY X 7 -16.65 -21.29 -7.40
C GLY X 7 -16.64 -22.76 -7.06
N SER X 8 -17.15 -23.12 -5.89
CA SER X 8 -17.10 -24.48 -5.41
C SER X 8 -18.48 -24.96 -5.02
N LEU X 9 -18.62 -26.28 -4.92
CA LEU X 9 -19.84 -26.91 -4.44
C LEU X 9 -19.48 -27.82 -3.28
N ASP X 10 -20.31 -27.81 -2.24
CA ASP X 10 -20.08 -28.62 -1.06
C ASP X 10 -21.37 -29.34 -0.68
N ASN X 11 -21.40 -30.66 -0.87
CA ASN X 11 -22.54 -31.48 -0.50
C ASN X 11 -22.16 -32.36 0.69
N ILE X 12 -22.96 -32.30 1.74
CA ILE X 12 -22.70 -33.05 2.96
C ILE X 12 -23.98 -33.73 3.39
N THR X 13 -23.95 -35.05 3.48
CA THR X 13 -25.07 -35.84 3.97
C THR X 13 -24.65 -36.54 5.25
N HIS X 14 -25.39 -36.31 6.32
CA HIS X 14 -25.07 -36.94 7.59
C HIS X 14 -26.08 -38.05 7.90
#